data_8CGQ
#
_entry.id   8CGQ
#
_cell.length_a   51.431
_cell.length_b   72.593
_cell.length_c   57.018
_cell.angle_alpha   90.000
_cell.angle_beta   101.694
_cell.angle_gamma   90.000
#
_symmetry.space_group_name_H-M   'P 1 21 1'
#
loop_
_entity.id
_entity.type
_entity.pdbx_description
1 polymer 'UDP-glycosyltransferase 708A6'
2 non-polymer 'CHLORIDE ION'
3 non-polymer "URIDINE-5'-DIPHOSPHATE"
4 water water
#
_entity_poly.entity_id   1
_entity_poly.type   'polypeptide(L)'
_entity_poly.pdbx_seq_one_letter_code
;GHMAANGGDHTSARPHVVLLPSAGMGHLVPFARLAVALSEGHGCNVSVAAVQPTVSSAESRLLDALFVAAAPAVRRLDFR
LAPFDESEFPGADPFFLRFEATRRSAPLLGPLLDAAEASALVTDIVLASVALPVARERGVPCYVLFTSSAAMLSLCAYFP
AYLDAHAAAGSVGVGVGNVDIPGVFRIPKSSVPQALHDPDHLFTQQFVANGRCLVACDGILVNTFDAFEPDAVTALRQGS
ITVSGGFPPVFTVGPMLPVRFQAEETADYMRWLSAQPPRSVVYVSFGSRKAIPRDQLRELAAGLEASGKRFLWVVKSTIV
DRDDTADLGGLLGDGFLERVQGRAFVTMGWVEQEEILQHGSVGLFISHCGWNSLTEAAAFGVPVLAWPRFGDQRVNAALV
ARSGLGAWEEGWTWDGEEGLTTRKEVAKKIKGMMGYDAVAEKAAKVGDAAAAAIAKCGTSYQSLEEFVQRCRDAER
;
_entity_poly.pdbx_strand_id   A
#
loop_
_chem_comp.id
_chem_comp.type
_chem_comp.name
_chem_comp.formula
CL non-polymer 'CHLORIDE ION' 'Cl -1'
UDP RNA linking URIDINE-5'-DIPHOSPHATE 'C9 H14 N2 O12 P2'
#
# COMPACT_ATOMS: atom_id res chain seq x y z
N ALA A 13 32.22 4.77 5.34
CA ALA A 13 31.86 3.47 4.77
C ALA A 13 30.33 3.31 4.66
N ARG A 14 29.84 2.95 3.46
CA ARG A 14 28.40 2.97 3.15
C ARG A 14 27.76 1.65 3.58
N PRO A 15 26.92 1.63 4.60
CA PRO A 15 26.22 0.39 4.95
C PRO A 15 25.61 -0.24 3.72
N HIS A 16 25.66 -1.57 3.64
CA HIS A 16 24.96 -2.32 2.61
C HIS A 16 23.62 -2.86 3.16
N VAL A 17 22.52 -2.40 2.57
CA VAL A 17 21.19 -2.82 2.99
C VAL A 17 20.60 -3.62 1.85
N VAL A 18 20.19 -4.85 2.12
CA VAL A 18 19.51 -5.68 1.13
C VAL A 18 17.99 -5.55 1.37
N LEU A 19 17.28 -5.21 0.32
CA LEU A 19 15.85 -5.02 0.36
C LEU A 19 15.21 -6.19 -0.37
N LEU A 20 14.13 -6.73 0.22
CA LEU A 20 13.50 -7.96 -0.28
C LEU A 20 12.00 -7.74 -0.43
N PRO A 21 11.57 -7.22 -1.59
CA PRO A 21 10.13 -6.97 -1.82
C PRO A 21 9.43 -8.22 -2.30
N SER A 22 8.09 -8.15 -2.25
CA SER A 22 7.18 -9.16 -2.77
C SER A 22 6.51 -8.55 -4.00
N ALA A 23 5.36 -9.08 -4.39
CA ALA A 23 4.78 -8.83 -5.70
C ALA A 23 3.70 -7.74 -5.62
N GLY A 24 3.47 -7.11 -6.75
CA GLY A 24 2.50 -6.00 -6.90
C GLY A 24 3.14 -4.66 -6.57
N MET A 25 2.61 -3.64 -7.20
CA MET A 25 3.07 -2.26 -6.96
C MET A 25 2.89 -1.84 -5.50
N GLY A 26 1.88 -2.37 -4.80
CA GLY A 26 1.68 -1.93 -3.43
C GLY A 26 2.83 -2.32 -2.52
N HIS A 27 3.49 -3.41 -2.85
CA HIS A 27 4.64 -3.86 -2.10
C HIS A 27 5.95 -3.40 -2.72
N LEU A 28 6.00 -3.22 -4.04
CA LEU A 28 7.25 -2.79 -4.67
C LEU A 28 7.45 -1.27 -4.51
N VAL A 29 6.40 -0.47 -4.73
CA VAL A 29 6.56 0.98 -4.70
C VAL A 29 7.24 1.45 -3.42
N PRO A 30 6.79 1.06 -2.23
CA PRO A 30 7.45 1.58 -1.03
C PRO A 30 8.89 1.13 -0.89
N PHE A 31 9.24 -0.02 -1.45
CA PHE A 31 10.61 -0.51 -1.40
C PHE A 31 11.50 0.36 -2.30
N ALA A 32 10.97 0.78 -3.46
CA ALA A 32 11.75 1.64 -4.36
C ALA A 32 11.97 3.03 -3.75
N ARG A 33 10.96 3.56 -3.09
CA ARG A 33 11.13 4.83 -2.38
C ARG A 33 12.06 4.67 -1.16
N LEU A 34 11.96 3.57 -0.44
CA LEU A 34 12.89 3.37 0.68
C LEU A 34 14.34 3.32 0.19
N ALA A 35 14.58 2.58 -0.90
CA ALA A 35 15.93 2.44 -1.43
C ALA A 35 16.52 3.80 -1.74
N VAL A 36 15.70 4.68 -2.34
CA VAL A 36 16.19 6.02 -2.68
C VAL A 36 16.41 6.83 -1.41
N ALA A 37 15.50 6.72 -0.45
CA ALA A 37 15.66 7.40 0.81
C ALA A 37 16.94 6.96 1.50
N LEU A 38 17.20 5.65 1.55
CA LEU A 38 18.39 5.19 2.26
C LEU A 38 19.66 5.59 1.52
N SER A 39 19.62 5.63 0.17
CA SER A 39 20.84 5.84 -0.61
C SER A 39 21.17 7.33 -0.76
N GLU A 40 20.29 8.10 -1.40
CA GLU A 40 20.48 9.56 -1.51
C GLU A 40 20.42 10.26 -0.15
N GLY A 41 19.46 9.87 0.69
CA GLY A 41 19.25 10.59 1.94
C GLY A 41 20.15 10.18 3.09
N HIS A 42 20.70 8.96 3.11
CA HIS A 42 21.49 8.58 4.27
C HIS A 42 22.74 7.78 3.94
N GLY A 43 23.26 7.88 2.73
CA GLY A 43 24.59 7.33 2.45
C GLY A 43 24.70 5.82 2.51
N CYS A 44 23.64 5.10 2.16
CA CYS A 44 23.68 3.65 2.16
C CYS A 44 23.87 3.13 0.75
N ASN A 45 24.49 1.97 0.62
CA ASN A 45 24.36 1.17 -0.59
C ASN A 45 23.21 0.18 -0.40
N VAL A 46 22.39 0.01 -1.45
CA VAL A 46 21.15 -0.75 -1.37
C VAL A 46 21.14 -1.77 -2.52
N SER A 47 20.86 -3.03 -2.18
CA SER A 47 20.64 -4.08 -3.16
C SER A 47 19.19 -4.52 -3.03
N VAL A 48 18.47 -4.44 -4.14
CA VAL A 48 17.06 -4.83 -4.20
C VAL A 48 16.97 -6.20 -4.85
N ALA A 49 16.62 -7.20 -4.05
CA ALA A 49 16.50 -8.59 -4.47
C ALA A 49 15.06 -8.83 -4.94
N ALA A 50 14.87 -8.73 -6.25
CA ALA A 50 13.55 -8.79 -6.84
C ALA A 50 13.45 -9.97 -7.82
N VAL A 51 12.25 -10.55 -7.87
CA VAL A 51 11.98 -11.71 -8.70
C VAL A 51 11.72 -11.24 -10.12
N GLN A 52 12.27 -11.97 -11.10
CA GLN A 52 12.07 -11.71 -12.53
C GLN A 52 11.57 -12.98 -13.20
N PRO A 53 10.51 -12.93 -14.03
CA PRO A 53 9.66 -11.79 -14.40
C PRO A 53 8.60 -11.42 -13.35
N THR A 54 8.15 -10.17 -13.41
CA THR A 54 7.17 -9.65 -12.47
C THR A 54 5.76 -9.96 -12.98
N VAL A 55 4.83 -10.07 -12.03
CA VAL A 55 3.44 -10.38 -12.39
C VAL A 55 2.87 -9.30 -13.29
N SER A 56 3.07 -8.03 -12.91
CA SER A 56 2.59 -6.90 -13.68
C SER A 56 3.72 -6.19 -14.44
N SER A 57 3.37 -5.62 -15.61
CA SER A 57 4.36 -4.84 -16.37
C SER A 57 4.76 -3.55 -15.65
N ALA A 58 3.83 -2.94 -14.88
CA ALA A 58 4.18 -1.72 -14.17
C ALA A 58 5.31 -1.94 -13.15
N GLU A 59 5.41 -3.15 -12.58
CA GLU A 59 6.51 -3.48 -11.68
C GLU A 59 7.84 -3.51 -12.43
N SER A 60 7.85 -4.12 -13.63
CA SER A 60 9.03 -4.17 -14.49
C SER A 60 9.52 -2.79 -14.88
N ARG A 61 8.62 -1.90 -15.29
CA ARG A 61 9.00 -0.55 -15.64
C ARG A 61 9.58 0.22 -14.44
N LEU A 62 8.97 0.04 -13.27
CA LEU A 62 9.45 0.72 -12.07
C LEU A 62 10.85 0.24 -11.69
N LEU A 63 11.06 -1.08 -11.67
CA LEU A 63 12.41 -1.60 -11.40
C LEU A 63 13.44 -1.08 -12.41
N ASP A 64 13.12 -1.17 -13.70
CA ASP A 64 14.05 -0.68 -14.70
C ASP A 64 14.40 0.78 -14.46
N ALA A 65 13.40 1.61 -14.14
CA ALA A 65 13.67 3.02 -13.93
C ALA A 65 14.44 3.24 -12.63
N LEU A 66 14.12 2.47 -11.58
CA LEU A 66 14.81 2.65 -10.30
C LEU A 66 16.32 2.47 -10.45
N PHE A 67 16.73 1.45 -11.19
CA PHE A 67 18.13 1.06 -11.25
C PHE A 67 18.94 1.99 -12.15
N VAL A 68 18.30 2.76 -13.00
CA VAL A 68 18.95 3.86 -13.71
C VAL A 68 19.03 5.11 -12.83
N ALA A 69 17.87 5.59 -12.38
CA ALA A 69 17.79 6.87 -11.70
C ALA A 69 18.63 6.91 -10.43
N ALA A 70 18.68 5.81 -9.69
CA ALA A 70 19.33 5.75 -8.40
C ALA A 70 20.64 4.97 -8.44
N ALA A 71 21.21 4.73 -9.62
CA ALA A 71 22.57 4.16 -9.71
C ALA A 71 23.60 5.18 -9.25
N PRO A 72 24.76 4.72 -8.77
CA PRO A 72 25.20 3.33 -8.57
C PRO A 72 24.83 2.75 -7.18
N ALA A 73 24.31 3.59 -6.29
CA ALA A 73 24.07 3.13 -4.93
C ALA A 73 23.03 2.02 -4.89
N VAL A 74 21.96 2.16 -5.69
CA VAL A 74 20.92 1.13 -5.73
C VAL A 74 21.21 0.20 -6.91
N ARG A 75 21.20 -1.10 -6.65
CA ARG A 75 21.58 -2.12 -7.61
C ARG A 75 20.57 -3.27 -7.59
N ARG A 76 20.45 -3.96 -8.73
CA ARG A 76 19.59 -5.11 -8.83
C ARG A 76 20.32 -6.35 -8.33
N LEU A 77 19.61 -7.19 -7.56
CA LEU A 77 20.10 -8.50 -7.15
C LEU A 77 19.08 -9.51 -7.67
N ASP A 78 19.54 -10.46 -8.48
CA ASP A 78 18.63 -11.41 -9.11
C ASP A 78 18.22 -12.48 -8.12
N PHE A 79 16.93 -12.81 -8.11
CA PHE A 79 16.33 -13.73 -7.13
C PHE A 79 15.41 -14.63 -7.94
N ARG A 80 15.90 -15.85 -8.22
CA ARG A 80 15.16 -16.80 -9.04
C ARG A 80 14.16 -17.60 -8.20
N LEU A 81 13.01 -17.89 -8.79
CA LEU A 81 11.96 -18.61 -8.09
C LEU A 81 12.08 -20.11 -8.37
N ALA A 82 12.13 -20.89 -7.32
CA ALA A 82 11.87 -22.32 -7.47
C ALA A 82 10.51 -22.50 -8.14
N PRO A 83 10.34 -23.51 -8.98
CA PRO A 83 9.01 -23.77 -9.53
C PRO A 83 8.00 -24.00 -8.41
N PHE A 84 6.80 -23.47 -8.62
CA PHE A 84 5.70 -23.55 -7.67
C PHE A 84 4.49 -24.04 -8.45
N ASP A 85 3.78 -24.99 -7.88
CA ASP A 85 2.59 -25.58 -8.50
C ASP A 85 1.35 -24.89 -7.93
N GLU A 86 0.70 -24.07 -8.76
CA GLU A 86 -0.45 -23.28 -8.34
C GLU A 86 -1.71 -24.11 -8.15
N SER A 87 -1.72 -25.36 -8.66
CA SER A 87 -2.83 -26.27 -8.42
C SER A 87 -3.16 -26.39 -6.93
N GLU A 88 -2.19 -26.03 -6.08
CA GLU A 88 -2.39 -26.17 -4.65
C GLU A 88 -3.41 -25.17 -4.09
N PHE A 89 -3.62 -24.06 -4.77
CA PHE A 89 -4.52 -23.00 -4.31
C PHE A 89 -5.40 -22.55 -5.47
N PRO A 90 -6.23 -23.46 -5.98
CA PRO A 90 -7.04 -23.13 -7.18
C PRO A 90 -7.90 -21.88 -7.01
N GLY A 91 -7.85 -21.02 -8.02
CA GLY A 91 -8.60 -19.79 -8.03
C GLY A 91 -8.03 -18.72 -7.15
N ALA A 92 -6.85 -18.92 -6.56
CA ALA A 92 -6.22 -17.87 -5.79
C ALA A 92 -5.82 -16.69 -6.68
N ASP A 93 -5.79 -15.51 -6.08
CA ASP A 93 -5.36 -14.28 -6.73
C ASP A 93 -3.91 -14.37 -7.20
N PRO A 94 -3.61 -13.90 -8.43
CA PRO A 94 -2.23 -14.12 -8.97
C PRO A 94 -1.13 -13.52 -8.11
N PHE A 95 -1.36 -12.36 -7.53
CA PHE A 95 -0.36 -11.78 -6.65
C PHE A 95 -0.18 -12.60 -5.39
N PHE A 96 -1.28 -13.13 -4.81
CA PHE A 96 -1.15 -14.03 -3.66
C PHE A 96 -0.39 -15.30 -4.03
N LEU A 97 -0.60 -15.82 -5.24
CA LEU A 97 0.18 -16.97 -5.69
C LEU A 97 1.67 -16.62 -5.85
N ARG A 98 2.00 -15.45 -6.31
CA ARG A 98 3.41 -15.06 -6.37
C ARG A 98 3.97 -14.82 -4.96
N PHE A 99 3.15 -14.28 -4.03
CA PHE A 99 3.60 -14.20 -2.65
C PHE A 99 4.10 -15.61 -2.19
N GLU A 100 3.30 -16.64 -2.45
CA GLU A 100 3.59 -17.98 -1.93
C GLU A 100 4.75 -18.62 -2.68
N ALA A 101 4.77 -18.48 -4.01
CA ALA A 101 5.92 -18.96 -4.80
C ALA A 101 7.22 -18.36 -4.30
N THR A 102 7.17 -17.09 -3.91
CA THR A 102 8.38 -16.42 -3.42
C THR A 102 8.73 -16.87 -2.01
N ARG A 103 7.72 -17.09 -1.17
CA ARG A 103 7.96 -17.58 0.19
C ARG A 103 8.66 -18.94 0.21
N ARG A 104 8.23 -19.85 -0.65
CA ARG A 104 8.90 -21.15 -0.75
C ARG A 104 10.26 -21.08 -1.41
N SER A 105 10.70 -19.95 -1.93
CA SER A 105 12.04 -19.85 -2.50
C SER A 105 13.03 -19.27 -1.50
N ALA A 106 12.59 -18.99 -0.28
CA ALA A 106 13.43 -18.35 0.73
C ALA A 106 14.75 -19.07 1.00
N PRO A 107 14.83 -20.40 0.86
CA PRO A 107 16.13 -21.06 0.79
C PRO A 107 17.21 -20.25 0.09
N LEU A 108 16.96 -19.96 -1.19
CA LEU A 108 17.95 -19.29 -2.03
C LEU A 108 18.43 -17.96 -1.45
N LEU A 109 17.71 -17.40 -0.50
CA LEU A 109 18.13 -16.13 0.07
C LEU A 109 19.43 -16.25 0.86
N GLY A 110 19.73 -17.44 1.40
CA GLY A 110 20.89 -17.63 2.25
C GLY A 110 22.21 -17.36 1.53
N PRO A 111 22.47 -18.11 0.46
CA PRO A 111 23.64 -17.78 -0.38
C PRO A 111 23.72 -16.32 -0.78
N LEU A 112 22.64 -15.79 -1.36
CA LEU A 112 22.62 -14.40 -1.76
C LEU A 112 23.11 -13.49 -0.64
N LEU A 113 22.67 -13.75 0.59
CA LEU A 113 22.98 -12.85 1.69
C LEU A 113 24.45 -12.92 2.08
N ASP A 114 25.01 -14.12 2.09
CA ASP A 114 26.44 -14.26 2.37
C ASP A 114 27.25 -13.46 1.36
N ALA A 115 26.89 -13.57 0.07
CA ALA A 115 27.64 -12.88 -0.99
C ALA A 115 27.52 -11.37 -0.86
N ALA A 116 26.40 -10.88 -0.35
CA ALA A 116 26.18 -9.44 -0.29
C ALA A 116 26.80 -8.77 0.92
N GLU A 117 27.28 -9.53 1.89
CA GLU A 117 27.93 -8.96 3.08
C GLU A 117 27.06 -7.87 3.68
N ALA A 118 25.78 -8.19 3.83
CA ALA A 118 24.77 -7.20 4.14
C ALA A 118 25.00 -6.65 5.53
N SER A 119 24.77 -5.34 5.70
CA SER A 119 24.67 -4.80 7.04
C SER A 119 23.34 -5.17 7.70
N ALA A 120 22.31 -5.38 6.88
CA ALA A 120 20.97 -5.66 7.37
C ALA A 120 20.12 -6.13 6.20
N LEU A 121 19.08 -6.91 6.53
CA LEU A 121 18.05 -7.31 5.59
C LEU A 121 16.79 -6.55 5.95
N VAL A 122 16.14 -5.94 4.96
CA VAL A 122 14.81 -5.39 5.13
C VAL A 122 13.89 -6.22 4.25
N THR A 123 13.00 -6.98 4.90
CA THR A 123 12.10 -7.88 4.22
C THR A 123 10.65 -7.37 4.23
N ASP A 124 9.96 -7.59 3.12
CA ASP A 124 8.54 -7.32 3.03
C ASP A 124 7.83 -8.07 4.15
N ILE A 125 6.84 -7.46 4.78
CA ILE A 125 6.03 -8.20 5.75
C ILE A 125 5.60 -9.53 5.14
N VAL A 126 5.11 -9.50 3.91
CA VAL A 126 4.67 -10.70 3.21
C VAL A 126 5.65 -11.87 3.34
N LEU A 127 6.94 -11.59 3.37
CA LEU A 127 7.95 -12.64 3.38
C LEU A 127 8.62 -12.82 4.73
N ALA A 128 8.15 -12.11 5.76
CA ALA A 128 8.93 -12.06 7.01
C ALA A 128 9.12 -13.42 7.68
N SER A 129 8.11 -14.29 7.69
CA SER A 129 8.27 -15.49 8.52
C SER A 129 9.30 -16.45 7.93
N VAL A 130 9.50 -16.41 6.62
CA VAL A 130 10.51 -17.23 5.96
C VAL A 130 11.86 -16.51 5.80
N ALA A 131 11.87 -15.17 5.80
CA ALA A 131 13.15 -14.47 5.66
C ALA A 131 13.89 -14.41 6.99
N LEU A 132 13.16 -14.22 8.09
CA LEU A 132 13.82 -14.06 9.39
C LEU A 132 14.69 -15.26 9.75
N PRO A 133 14.23 -16.51 9.62
CA PRO A 133 15.14 -17.64 9.93
C PRO A 133 16.40 -17.62 9.09
N VAL A 134 16.29 -17.35 7.79
CA VAL A 134 17.47 -17.31 6.92
C VAL A 134 18.45 -16.22 7.37
N ALA A 135 17.92 -15.02 7.68
CA ALA A 135 18.78 -13.96 8.21
C ALA A 135 19.52 -14.42 9.50
N ARG A 136 18.82 -15.09 10.39
CA ARG A 136 19.42 -15.45 11.68
C ARG A 136 20.58 -16.44 11.53
N GLU A 137 20.43 -17.43 10.65
CA GLU A 137 21.52 -18.37 10.46
C GLU A 137 22.66 -17.80 9.63
N ARG A 138 22.46 -16.71 8.91
CA ARG A 138 23.55 -16.03 8.18
C ARG A 138 24.12 -14.85 8.95
N GLY A 139 23.60 -14.59 10.14
CA GLY A 139 24.14 -13.58 11.02
C GLY A 139 23.84 -12.16 10.63
N VAL A 140 22.74 -11.92 9.92
CA VAL A 140 22.39 -10.61 9.39
C VAL A 140 21.18 -10.07 10.15
N PRO A 141 21.22 -8.82 10.63
CA PRO A 141 20.00 -8.25 11.24
C PRO A 141 18.87 -8.24 10.25
N CYS A 142 17.64 -8.45 10.71
CA CYS A 142 16.49 -8.62 9.85
C CYS A 142 15.41 -7.68 10.34
N TYR A 143 15.11 -6.70 9.48
CA TYR A 143 14.08 -5.71 9.70
C TYR A 143 12.96 -5.96 8.70
N VAL A 144 11.72 -5.59 9.09
CA VAL A 144 10.52 -5.75 8.26
C VAL A 144 10.05 -4.35 7.82
N LEU A 145 9.78 -4.20 6.54
CA LEU A 145 9.05 -3.05 6.02
C LEU A 145 7.58 -3.47 5.88
N PHE A 146 6.75 -3.00 6.80
CA PHE A 146 5.30 -3.18 6.67
C PHE A 146 4.78 -2.20 5.63
N THR A 147 4.02 -2.71 4.63
CA THR A 147 3.71 -1.89 3.48
C THR A 147 2.40 -1.13 3.60
N SER A 148 1.63 -1.33 4.69
CA SER A 148 0.37 -0.62 4.85
C SER A 148 0.42 0.28 6.09
N SER A 149 -0.76 0.65 6.62
CA SER A 149 -0.82 1.64 7.67
C SER A 149 -0.38 1.07 9.01
N ALA A 150 -0.07 1.99 9.93
CA ALA A 150 0.21 1.55 11.31
C ALA A 150 -1.02 0.86 11.95
N ALA A 151 -2.21 1.35 11.65
CA ALA A 151 -3.40 0.64 12.12
C ALA A 151 -3.39 -0.82 11.65
N MET A 152 -3.09 -1.04 10.38
CA MET A 152 -3.01 -2.41 9.88
C MET A 152 -1.81 -3.17 10.42
N LEU A 153 -0.70 -2.48 10.74
CA LEU A 153 0.38 -3.19 11.43
C LEU A 153 -0.10 -3.68 12.79
N SER A 154 -0.80 -2.81 13.53
CA SER A 154 -1.34 -3.18 14.84
C SER A 154 -2.33 -4.35 14.73
N LEU A 155 -3.15 -4.38 13.67
CA LEU A 155 -3.97 -5.56 13.43
C LEU A 155 -3.13 -6.80 13.13
N CYS A 156 -2.19 -6.70 12.22
CA CYS A 156 -1.33 -7.85 11.90
C CYS A 156 -0.65 -8.39 13.15
N ALA A 157 -0.17 -7.50 14.01
CA ALA A 157 0.56 -7.93 15.21
C ALA A 157 -0.35 -8.59 16.25
N TYR A 158 -1.58 -8.10 16.37
CA TYR A 158 -2.51 -8.64 17.38
C TYR A 158 -3.31 -9.85 16.88
N PHE A 159 -3.50 -10.00 15.58
CA PHE A 159 -4.39 -11.04 15.06
C PHE A 159 -4.04 -12.46 15.51
N PRO A 160 -2.76 -12.84 15.69
CA PRO A 160 -2.48 -14.19 16.23
C PRO A 160 -2.98 -14.36 17.66
N ALA A 161 -2.79 -13.35 18.52
CA ALA A 161 -3.30 -13.48 19.88
C ALA A 161 -4.83 -13.53 19.86
N TYR A 162 -5.45 -12.71 19.00
CA TYR A 162 -6.91 -12.76 18.82
C TYR A 162 -7.38 -14.17 18.47
N LEU A 163 -6.79 -14.76 17.43
CA LEU A 163 -7.15 -16.09 17.00
C LEU A 163 -6.89 -17.11 18.12
N ASP A 164 -5.75 -16.95 18.84
CA ASP A 164 -5.46 -17.89 19.93
C ASP A 164 -6.53 -17.82 21.03
N ALA A 165 -6.86 -16.60 21.51
CA ALA A 165 -7.81 -16.43 22.60
C ALA A 165 -9.17 -16.98 22.22
N HIS A 166 -9.53 -16.87 20.95
CA HIS A 166 -10.78 -17.43 20.48
C HIS A 166 -10.65 -18.86 20.01
N ALA A 167 -9.56 -19.54 20.33
CA ALA A 167 -9.46 -20.97 20.04
C ALA A 167 -9.95 -21.72 21.28
N ALA A 168 -10.85 -22.66 21.07
CA ALA A 168 -11.44 -23.42 22.15
C ALA A 168 -11.20 -24.88 21.81
N ALA A 169 -10.69 -25.64 22.78
CA ALA A 169 -10.54 -27.07 22.63
C ALA A 169 -11.62 -27.65 21.72
N GLY A 170 -11.21 -28.50 20.79
CA GLY A 170 -12.15 -29.09 19.85
C GLY A 170 -12.29 -28.37 18.54
N SER A 171 -11.40 -27.42 18.22
CA SER A 171 -11.43 -26.71 16.95
C SER A 171 -10.40 -25.59 16.87
N VAL A 172 -10.17 -25.08 15.66
CA VAL A 172 -9.50 -23.81 15.40
C VAL A 172 -10.54 -22.87 14.82
N GLY A 173 -10.84 -21.77 15.52
CA GLY A 173 -11.98 -20.95 15.17
C GLY A 173 -11.99 -20.35 13.77
N VAL A 174 -13.15 -20.42 13.11
CA VAL A 174 -13.37 -19.86 11.78
C VAL A 174 -14.21 -18.59 11.90
N GLY A 175 -13.88 -17.56 11.10
CA GLY A 175 -14.56 -16.28 11.15
C GLY A 175 -13.81 -15.23 11.96
N VAL A 176 -14.14 -13.97 11.72
CA VAL A 176 -13.59 -12.86 12.49
C VAL A 176 -14.73 -11.91 12.83
N GLY A 177 -14.75 -11.39 14.06
CA GLY A 177 -15.73 -10.37 14.43
C GLY A 177 -15.09 -9.00 14.65
N ASN A 178 -15.66 -8.21 15.56
CA ASN A 178 -15.01 -6.98 16.00
C ASN A 178 -13.67 -7.30 16.67
N VAL A 179 -12.64 -6.56 16.30
CA VAL A 179 -11.28 -6.78 16.83
C VAL A 179 -10.89 -5.55 17.66
N ASP A 180 -10.84 -5.69 18.98
CA ASP A 180 -10.48 -4.58 19.87
C ASP A 180 -8.96 -4.61 20.08
N ILE A 181 -8.23 -3.92 19.21
CA ILE A 181 -6.76 -3.90 19.26
C ILE A 181 -6.31 -3.14 20.50
N PRO A 182 -5.60 -3.79 21.43
CA PRO A 182 -5.20 -3.12 22.66
C PRO A 182 -4.56 -1.76 22.44
N GLY A 183 -5.08 -0.76 23.15
CA GLY A 183 -4.49 0.55 23.13
C GLY A 183 -4.59 1.29 21.82
N VAL A 184 -5.35 0.78 20.86
CA VAL A 184 -5.52 1.47 19.59
C VAL A 184 -7.02 1.80 19.46
N PHE A 185 -7.82 0.89 18.92
CA PHE A 185 -9.28 1.09 18.79
C PHE A 185 -9.89 -0.21 18.26
N ARG A 186 -11.17 -0.14 17.94
CA ARG A 186 -11.89 -1.31 17.48
C ARG A 186 -11.95 -1.32 15.97
N ILE A 187 -11.60 -2.45 15.37
CA ILE A 187 -11.86 -2.70 13.95
C ILE A 187 -13.22 -3.38 13.85
N PRO A 188 -14.24 -2.72 13.32
CA PRO A 188 -15.53 -3.41 13.18
C PRO A 188 -15.41 -4.59 12.23
N LYS A 189 -16.28 -5.57 12.48
CA LYS A 189 -16.27 -6.82 11.75
C LYS A 189 -16.31 -6.59 10.25
N SER A 190 -17.12 -5.60 9.83
CA SER A 190 -17.30 -5.35 8.41
C SER A 190 -16.07 -4.69 7.80
N SER A 191 -15.13 -4.18 8.60
CA SER A 191 -13.84 -3.65 8.08
C SER A 191 -12.72 -4.70 8.06
N VAL A 192 -12.96 -5.86 8.63
CA VAL A 192 -11.92 -6.90 8.56
C VAL A 192 -11.70 -7.30 7.10
N PRO A 193 -10.44 -7.32 6.61
CA PRO A 193 -10.16 -7.95 5.30
C PRO A 193 -10.98 -9.22 5.08
N GLN A 194 -11.57 -9.38 3.88
CA GLN A 194 -12.49 -10.48 3.68
C GLN A 194 -11.81 -11.85 3.82
N ALA A 195 -10.57 -11.96 3.33
CA ALA A 195 -9.87 -13.24 3.34
C ALA A 195 -9.63 -13.76 4.76
N LEU A 196 -9.54 -12.86 5.76
CA LEU A 196 -9.19 -13.25 7.11
C LEU A 196 -10.30 -14.09 7.76
N HIS A 197 -11.55 -13.97 7.26
CA HIS A 197 -12.65 -14.79 7.78
C HIS A 197 -12.41 -16.28 7.57
N ASP A 198 -11.47 -16.64 6.72
CA ASP A 198 -11.17 -18.04 6.39
C ASP A 198 -9.75 -18.34 6.85
N PRO A 199 -9.57 -19.06 7.96
CA PRO A 199 -8.19 -19.36 8.39
C PRO A 199 -7.40 -20.17 7.39
N ASP A 200 -8.05 -20.79 6.39
CA ASP A 200 -7.33 -21.57 5.39
C ASP A 200 -6.97 -20.77 4.14
N HIS A 201 -7.48 -19.55 4.00
CA HIS A 201 -7.23 -18.74 2.82
C HIS A 201 -5.73 -18.52 2.62
N LEU A 202 -5.30 -18.47 1.35
CA LEU A 202 -3.87 -18.35 1.09
C LEU A 202 -3.31 -17.11 1.79
N PHE A 203 -3.99 -15.97 1.60
CA PHE A 203 -3.53 -14.73 2.21
C PHE A 203 -3.44 -14.86 3.73
N THR A 204 -4.46 -15.46 4.34
CA THR A 204 -4.56 -15.54 5.79
C THR A 204 -3.44 -16.37 6.39
N GLN A 205 -3.23 -17.59 5.89
CA GLN A 205 -2.09 -18.39 6.36
C GLN A 205 -0.78 -17.57 6.34
N GLN A 206 -0.53 -16.84 5.26
CA GLN A 206 0.65 -15.98 5.20
C GLN A 206 0.60 -14.87 6.27
N PHE A 207 -0.55 -14.15 6.33
CA PHE A 207 -0.72 -13.01 7.22
C PHE A 207 -0.55 -13.42 8.69
N VAL A 208 -1.08 -14.57 9.09
CA VAL A 208 -0.93 -15.05 10.48
C VAL A 208 0.53 -15.43 10.77
N ALA A 209 1.13 -16.22 9.88
CA ALA A 209 2.52 -16.62 10.10
C ALA A 209 3.44 -15.39 10.19
N ASN A 210 3.17 -14.37 9.33
CA ASN A 210 4.03 -13.19 9.32
C ASN A 210 3.84 -12.34 10.58
N GLY A 211 2.60 -12.28 11.10
CA GLY A 211 2.36 -11.58 12.33
C GLY A 211 3.01 -12.26 13.52
N ARG A 212 3.07 -13.60 13.52
CA ARG A 212 3.63 -14.30 14.66
C ARG A 212 5.10 -14.00 14.82
N CYS A 213 5.82 -13.90 13.71
CA CYS A 213 7.27 -13.75 13.81
C CYS A 213 7.68 -12.33 14.14
N LEU A 214 6.74 -11.39 14.09
CA LEU A 214 7.15 -9.97 14.19
C LEU A 214 7.80 -9.66 15.54
N VAL A 215 7.39 -10.35 16.62
CA VAL A 215 7.97 -10.07 17.92
C VAL A 215 9.47 -10.40 17.94
N ALA A 216 9.93 -11.24 16.99
CA ALA A 216 11.28 -11.80 17.04
C ALA A 216 12.20 -11.19 16.00
N CYS A 217 11.74 -10.13 15.31
N CYS A 217 11.76 -10.13 15.29
CA CYS A 217 12.53 -9.38 14.35
CA CYS A 217 12.60 -9.42 14.36
C CYS A 217 13.27 -8.25 15.07
C CYS A 217 13.21 -8.21 15.03
N ASP A 218 14.21 -7.62 14.37
CA ASP A 218 14.99 -6.54 14.95
C ASP A 218 14.34 -5.16 14.86
N GLY A 219 13.30 -5.02 14.07
CA GLY A 219 12.56 -3.78 14.03
C GLY A 219 11.68 -3.77 12.82
N ILE A 220 10.78 -2.78 12.78
CA ILE A 220 9.69 -2.71 11.81
C ILE A 220 9.64 -1.29 11.27
N LEU A 221 9.71 -1.14 9.98
CA LEU A 221 9.57 0.17 9.37
C LEU A 221 8.16 0.30 8.82
N VAL A 222 7.55 1.48 9.01
CA VAL A 222 6.18 1.72 8.57
C VAL A 222 6.16 3.03 7.82
N ASN A 223 5.54 3.05 6.64
CA ASN A 223 5.47 4.23 5.79
C ASN A 223 4.30 5.12 6.20
N THR A 224 4.45 5.70 7.38
CA THR A 224 3.44 6.62 7.95
C THR A 224 4.19 7.63 8.83
N PHE A 225 3.45 8.58 9.41
CA PHE A 225 4.05 9.50 10.35
C PHE A 225 3.24 9.60 11.64
N ASP A 226 3.96 9.92 12.72
CA ASP A 226 3.35 9.88 14.06
C ASP A 226 2.05 10.68 14.11
N ALA A 227 2.08 11.92 13.61
CA ALA A 227 0.87 12.76 13.71
C ALA A 227 -0.31 12.20 12.91
N PHE A 228 -0.05 11.36 11.89
CA PHE A 228 -1.10 10.75 11.09
C PHE A 228 -1.85 9.65 11.85
N GLU A 229 -1.12 8.89 12.69
CA GLU A 229 -1.66 7.70 13.36
C GLU A 229 -1.09 7.64 14.76
N PRO A 230 -1.33 8.70 15.54
CA PRO A 230 -0.67 8.77 16.86
C PRO A 230 -0.99 7.63 17.82
N ASP A 231 -2.22 7.12 17.78
CA ASP A 231 -2.59 6.10 18.76
C ASP A 231 -2.06 4.75 18.33
N ALA A 232 -2.19 4.41 17.05
CA ALA A 232 -1.58 3.17 16.56
C ALA A 232 -0.06 3.17 16.80
N VAL A 233 0.61 4.29 16.45
CA VAL A 233 2.06 4.33 16.61
C VAL A 233 2.43 4.28 18.10
N THR A 234 1.62 4.92 18.97
CA THR A 234 1.96 4.89 20.39
C THR A 234 1.78 3.47 20.95
N ALA A 235 0.76 2.74 20.49
CA ALA A 235 0.55 1.39 21.00
C ALA A 235 1.66 0.43 20.52
N LEU A 236 2.10 0.61 19.28
CA LEU A 236 3.18 -0.24 18.74
C LEU A 236 4.51 0.02 19.44
N ARG A 237 4.77 1.26 19.86
CA ARG A 237 6.05 1.57 20.49
C ARG A 237 6.10 1.20 21.96
N GLN A 238 4.96 1.11 22.62
CA GLN A 238 4.91 0.62 23.98
C GLN A 238 4.82 -0.90 24.04
N GLY A 239 4.37 -1.55 22.98
CA GLY A 239 4.19 -2.98 23.01
C GLY A 239 2.86 -3.43 23.58
N SER A 240 1.90 -2.51 23.70
CA SER A 240 0.56 -2.85 24.10
C SER A 240 0.00 -4.02 23.30
N ILE A 241 0.31 -4.06 22.00
CA ILE A 241 -0.39 -4.95 21.08
C ILE A 241 -0.14 -6.43 21.34
N THR A 242 0.96 -6.79 22.01
CA THR A 242 1.36 -8.19 22.08
C THR A 242 1.13 -8.87 23.43
N VAL A 243 0.71 -8.13 24.45
CA VAL A 243 0.41 -8.64 25.79
C VAL A 243 1.66 -9.29 26.43
N SER A 244 2.36 -10.16 25.69
CA SER A 244 3.68 -10.59 26.15
C SER A 244 4.52 -9.40 26.60
N GLY A 245 4.24 -8.22 26.05
CA GLY A 245 4.85 -6.98 26.46
C GLY A 245 6.16 -6.70 25.80
N GLY A 246 6.55 -7.50 24.79
CA GLY A 246 7.81 -7.31 24.12
C GLY A 246 7.56 -7.15 22.64
N PHE A 247 7.97 -6.01 22.08
CA PHE A 247 7.81 -5.75 20.66
C PHE A 247 9.06 -5.05 20.16
N PRO A 248 9.44 -5.25 18.90
CA PRO A 248 10.63 -4.57 18.36
C PRO A 248 10.40 -3.09 18.17
N PRO A 249 11.47 -2.33 18.03
CA PRO A 249 11.32 -0.90 17.71
C PRO A 249 10.59 -0.71 16.39
N VAL A 250 9.81 0.34 16.33
CA VAL A 250 9.02 0.69 15.15
C VAL A 250 9.55 2.01 14.64
N PHE A 251 9.90 2.05 13.35
CA PHE A 251 10.43 3.24 12.71
C PHE A 251 9.39 3.80 11.74
N THR A 252 8.89 4.98 12.02
CA THR A 252 7.94 5.63 11.12
C THR A 252 8.74 6.49 10.13
N VAL A 253 8.70 6.13 8.86
CA VAL A 253 9.60 6.72 7.89
C VAL A 253 8.85 7.41 6.75
N GLY A 254 7.52 7.60 6.88
CA GLY A 254 6.75 8.13 5.77
C GLY A 254 6.14 9.50 6.05
N PRO A 255 5.38 10.02 5.07
CA PRO A 255 5.08 9.45 3.75
C PRO A 255 6.29 9.54 2.84
N MET A 256 6.82 8.43 2.33
CA MET A 256 8.04 8.49 1.53
C MET A 256 7.73 9.15 0.19
N LEU A 257 8.55 10.10 -0.22
CA LEU A 257 8.33 10.83 -1.46
C LEU A 257 8.57 9.94 -2.67
N PRO A 258 7.96 10.29 -3.80
CA PRO A 258 8.19 9.51 -5.03
C PRO A 258 9.61 9.67 -5.55
N VAL A 259 10.02 8.65 -6.30
CA VAL A 259 11.37 8.63 -6.86
C VAL A 259 11.49 9.60 -8.03
N THR A 266 5.94 14.33 -21.80
CA THR A 266 4.61 14.58 -21.23
C THR A 266 3.55 13.78 -21.99
N ALA A 267 2.79 12.94 -21.27
CA ALA A 267 1.80 12.08 -21.88
C ALA A 267 0.47 12.81 -22.09
N ASP A 268 -0.39 12.19 -22.90
CA ASP A 268 -1.65 12.84 -23.26
C ASP A 268 -2.41 13.27 -22.00
N TYR A 269 -2.47 12.40 -20.95
CA TYR A 269 -3.29 12.73 -19.77
C TYR A 269 -2.69 13.90 -18.99
N MET A 270 -1.35 14.09 -19.08
CA MET A 270 -0.73 15.22 -18.39
C MET A 270 -0.92 16.50 -19.19
N ARG A 271 -0.82 16.43 -20.53
CA ARG A 271 -1.13 17.61 -21.32
C ARG A 271 -2.58 18.06 -21.07
N TRP A 272 -3.51 17.10 -21.05
CA TRP A 272 -4.89 17.41 -20.68
C TRP A 272 -4.96 18.09 -19.32
N LEU A 273 -4.29 17.52 -18.34
CA LEU A 273 -4.46 17.97 -16.96
C LEU A 273 -3.94 19.37 -16.78
N SER A 274 -2.78 19.69 -17.40
CA SER A 274 -2.20 21.02 -17.28
C SER A 274 -3.07 22.09 -17.91
N ALA A 275 -3.95 21.71 -18.85
CA ALA A 275 -4.89 22.66 -19.44
C ALA A 275 -6.06 23.00 -18.50
N GLN A 276 -6.23 22.26 -17.38
CA GLN A 276 -7.41 22.51 -16.57
C GLN A 276 -7.12 23.50 -15.45
N PRO A 277 -8.17 24.11 -14.88
CA PRO A 277 -7.95 25.11 -13.83
C PRO A 277 -7.49 24.45 -12.55
N PRO A 278 -6.97 25.26 -11.63
CA PRO A 278 -6.45 24.70 -10.37
C PRO A 278 -7.55 24.01 -9.60
N ARG A 279 -7.20 22.88 -9.00
CA ARG A 279 -8.11 22.15 -8.09
C ARG A 279 -9.46 21.85 -8.72
N SER A 280 -9.51 21.67 -10.04
CA SER A 280 -10.78 21.43 -10.72
C SER A 280 -11.05 19.97 -11.06
N VAL A 281 -10.05 19.08 -11.01
CA VAL A 281 -10.15 17.75 -11.60
C VAL A 281 -10.33 16.72 -10.51
N VAL A 282 -11.33 15.84 -10.71
CA VAL A 282 -11.50 14.62 -9.92
C VAL A 282 -10.65 13.54 -10.58
N TYR A 283 -9.66 13.05 -9.88
CA TYR A 283 -8.82 11.94 -10.33
C TYR A 283 -9.37 10.67 -9.67
N VAL A 284 -9.47 9.58 -10.45
CA VAL A 284 -10.17 8.37 -10.04
C VAL A 284 -9.30 7.14 -10.32
N SER A 285 -8.97 6.37 -9.27
CA SER A 285 -8.22 5.14 -9.52
C SER A 285 -8.39 4.21 -8.33
N PHE A 286 -8.61 2.93 -8.63
CA PHE A 286 -8.74 1.92 -7.60
C PHE A 286 -7.49 1.07 -7.46
N GLY A 287 -6.33 1.55 -7.95
CA GLY A 287 -5.06 0.92 -7.67
C GLY A 287 -4.65 0.04 -8.83
N SER A 288 -3.61 -0.75 -8.57
CA SER A 288 -2.92 -1.48 -9.62
C SER A 288 -3.46 -2.89 -9.83
N ARG A 289 -4.41 -3.36 -9.00
CA ARG A 289 -4.75 -4.77 -9.02
C ARG A 289 -6.22 -5.00 -8.69
N LYS A 290 -7.07 -4.05 -9.01
CA LYS A 290 -8.50 -4.14 -8.77
C LYS A 290 -9.21 -3.73 -10.05
N ALA A 291 -10.20 -4.54 -10.45
CA ALA A 291 -11.08 -4.20 -11.56
C ALA A 291 -12.52 -4.11 -11.05
N ILE A 292 -13.15 -2.97 -11.25
CA ILE A 292 -14.49 -2.75 -10.73
C ILE A 292 -15.51 -3.49 -11.60
N PRO A 293 -16.42 -4.26 -11.02
CA PRO A 293 -17.44 -4.94 -11.85
C PRO A 293 -18.25 -3.93 -12.65
N ARG A 294 -18.77 -4.39 -13.79
CA ARG A 294 -19.31 -3.46 -14.78
C ARG A 294 -20.54 -2.71 -14.26
N ASP A 295 -21.46 -3.38 -13.56
CA ASP A 295 -22.64 -2.67 -13.09
C ASP A 295 -22.24 -1.48 -12.21
N GLN A 296 -21.27 -1.67 -11.30
CA GLN A 296 -20.78 -0.56 -10.51
C GLN A 296 -19.99 0.43 -11.38
N LEU A 297 -19.35 -0.06 -12.43
CA LEU A 297 -18.61 0.84 -13.32
C LEU A 297 -19.57 1.81 -14.02
N ARG A 298 -20.76 1.34 -14.41
CA ARG A 298 -21.70 2.22 -15.09
C ARG A 298 -22.24 3.28 -14.13
N GLU A 299 -22.48 2.93 -12.86
CA GLU A 299 -22.97 3.95 -11.92
C GLU A 299 -21.87 4.99 -11.69
N LEU A 300 -20.62 4.55 -11.63
CA LEU A 300 -19.53 5.52 -11.45
C LEU A 300 -19.39 6.44 -12.68
N ALA A 301 -19.54 5.88 -13.88
CA ALA A 301 -19.46 6.73 -15.07
C ALA A 301 -20.54 7.81 -15.02
N ALA A 302 -21.77 7.38 -14.68
CA ALA A 302 -22.88 8.32 -14.71
C ALA A 302 -22.82 9.27 -13.53
N GLY A 303 -22.29 8.84 -12.40
CA GLY A 303 -22.08 9.78 -11.31
C GLY A 303 -21.05 10.86 -11.67
N LEU A 304 -19.91 10.44 -12.25
CA LEU A 304 -18.92 11.42 -12.70
C LEU A 304 -19.52 12.40 -13.72
N GLU A 305 -20.18 11.88 -14.75
CA GLU A 305 -20.92 12.73 -15.70
C GLU A 305 -21.80 13.76 -14.99
N ALA A 306 -22.71 13.27 -14.12
CA ALA A 306 -23.68 14.11 -13.44
C ALA A 306 -23.05 15.07 -12.44
N SER A 307 -21.83 14.78 -11.97
CA SER A 307 -21.19 15.68 -11.03
C SER A 307 -20.91 17.04 -11.64
N GLY A 308 -20.90 17.13 -12.98
CA GLY A 308 -20.50 18.35 -13.64
C GLY A 308 -19.03 18.72 -13.51
N LYS A 309 -18.21 17.91 -12.85
CA LYS A 309 -16.81 18.22 -12.65
C LYS A 309 -15.95 17.61 -13.76
N ARG A 310 -14.87 18.31 -14.08
CA ARG A 310 -13.81 17.68 -14.85
C ARG A 310 -13.29 16.45 -14.09
N PHE A 311 -13.00 15.36 -14.83
CA PHE A 311 -12.47 14.17 -14.17
C PHE A 311 -11.47 13.46 -15.07
N LEU A 312 -10.48 12.81 -14.41
CA LEU A 312 -9.45 11.99 -15.05
C LEU A 312 -9.52 10.60 -14.42
N TRP A 313 -9.93 9.60 -15.21
CA TRP A 313 -10.36 8.32 -14.70
C TRP A 313 -9.57 7.16 -15.26
N VAL A 314 -8.84 6.47 -14.38
CA VAL A 314 -8.06 5.29 -14.77
C VAL A 314 -8.92 4.06 -14.58
N VAL A 315 -9.02 3.23 -15.61
CA VAL A 315 -9.91 2.08 -15.63
C VAL A 315 -9.11 0.82 -15.92
N LYS A 316 -9.51 -0.28 -15.25
CA LYS A 316 -8.94 -1.60 -15.41
C LYS A 316 -10.07 -2.58 -15.65
N SER A 317 -9.91 -3.47 -16.65
CA SER A 317 -10.86 -4.56 -16.80
C SER A 317 -10.40 -5.87 -16.13
N THR A 318 -9.09 -6.05 -15.88
CA THR A 318 -8.54 -7.22 -15.25
C THR A 318 -7.70 -6.82 -14.05
N ILE A 319 -7.36 -7.79 -13.21
CA ILE A 319 -6.52 -7.51 -12.05
C ILE A 319 -5.06 -7.22 -12.48
N VAL A 320 -4.53 -8.04 -13.40
CA VAL A 320 -3.15 -7.93 -13.84
C VAL A 320 -3.11 -7.10 -15.11
N ASP A 321 -2.31 -6.03 -15.12
CA ASP A 321 -2.29 -5.15 -16.30
C ASP A 321 -1.92 -5.91 -17.58
N ARG A 322 -1.03 -6.89 -17.47
CA ARG A 322 -0.64 -7.63 -18.67
C ARG A 322 -1.82 -8.28 -19.37
N ASP A 323 -2.84 -8.72 -18.64
CA ASP A 323 -3.97 -9.40 -19.24
C ASP A 323 -5.01 -8.44 -19.82
N ASP A 324 -4.89 -7.12 -19.61
CA ASP A 324 -6.02 -6.22 -19.84
C ASP A 324 -6.12 -5.92 -21.32
N THR A 325 -7.12 -6.48 -21.96
CA THR A 325 -7.36 -6.28 -23.38
C THR A 325 -8.69 -5.61 -23.67
N ALA A 326 -9.58 -5.52 -22.68
CA ALA A 326 -10.91 -4.97 -22.89
C ALA A 326 -10.83 -3.63 -23.61
N ASP A 327 -11.87 -3.36 -24.41
CA ASP A 327 -12.00 -2.11 -25.13
C ASP A 327 -12.71 -1.12 -24.23
N LEU A 328 -12.09 0.03 -24.01
CA LEU A 328 -12.70 1.05 -23.15
C LEU A 328 -14.11 1.38 -23.63
N GLY A 329 -14.25 1.67 -24.92
CA GLY A 329 -15.56 1.89 -25.48
C GLY A 329 -16.53 0.76 -25.20
N GLY A 330 -16.03 -0.49 -25.26
CA GLY A 330 -16.89 -1.64 -25.04
C GLY A 330 -17.26 -1.90 -23.59
N LEU A 331 -16.49 -1.36 -22.66
CA LEU A 331 -16.70 -1.57 -21.24
C LEU A 331 -17.62 -0.53 -20.62
N LEU A 332 -17.49 0.73 -21.02
CA LEU A 332 -18.27 1.82 -20.43
C LEU A 332 -19.42 2.26 -21.33
N GLY A 333 -19.14 2.46 -22.61
CA GLY A 333 -20.12 2.96 -23.56
C GLY A 333 -19.42 3.87 -24.56
N ASP A 334 -19.63 3.66 -25.87
CA ASP A 334 -19.05 4.60 -26.84
C ASP A 334 -19.76 5.95 -26.78
N GLY A 335 -21.03 5.97 -26.38
CA GLY A 335 -21.72 7.23 -26.17
C GLY A 335 -21.15 8.02 -25.00
N PHE A 336 -21.05 7.37 -23.83
CA PHE A 336 -20.47 8.03 -22.66
C PHE A 336 -19.15 8.73 -23.00
N LEU A 337 -18.26 8.00 -23.68
CA LEU A 337 -16.94 8.55 -23.98
C LEU A 337 -17.03 9.78 -24.87
N GLU A 338 -17.94 9.78 -25.86
CA GLU A 338 -18.05 10.95 -26.73
C GLU A 338 -18.69 12.10 -25.98
N ARG A 339 -19.59 11.79 -25.05
CA ARG A 339 -20.32 12.81 -24.32
C ARG A 339 -19.47 13.55 -23.28
N VAL A 340 -18.36 12.95 -22.84
CA VAL A 340 -17.49 13.57 -21.84
C VAL A 340 -16.18 14.04 -22.43
N GLN A 341 -15.96 13.82 -23.74
CA GLN A 341 -14.84 14.39 -24.48
C GLN A 341 -14.60 15.83 -24.04
N GLY A 342 -13.34 16.13 -23.75
CA GLY A 342 -12.97 17.51 -23.48
C GLY A 342 -13.11 17.92 -22.03
N ARG A 343 -14.28 17.70 -21.43
N ARG A 343 -14.28 17.69 -21.44
CA ARG A 343 -14.44 17.93 -20.01
CA ARG A 343 -14.49 17.90 -20.02
C ARG A 343 -13.81 16.81 -19.18
C ARG A 343 -13.81 16.82 -19.19
N ALA A 344 -13.43 15.70 -19.79
CA ALA A 344 -12.85 14.62 -19.02
C ALA A 344 -11.87 13.80 -19.86
N PHE A 345 -11.07 13.01 -19.13
CA PHE A 345 -10.04 12.16 -19.73
C PHE A 345 -10.13 10.80 -19.06
N VAL A 346 -10.30 9.75 -19.88
CA VAL A 346 -10.51 8.39 -19.41
C VAL A 346 -9.58 7.46 -20.17
N THR A 347 -8.82 6.64 -19.43
CA THR A 347 -7.87 5.74 -20.06
C THR A 347 -7.92 4.39 -19.38
N MET A 348 -7.59 3.35 -20.13
CA MET A 348 -7.38 2.00 -19.60
C MET A 348 -5.89 1.64 -19.53
N GLY A 349 -5.00 2.60 -19.73
CA GLY A 349 -3.59 2.33 -19.59
C GLY A 349 -3.06 2.75 -18.23
N TRP A 350 -1.75 2.60 -18.10
CA TRP A 350 -1.08 2.97 -16.87
C TRP A 350 -0.97 4.48 -16.89
N VAL A 351 -1.06 5.11 -15.73
CA VAL A 351 -0.74 6.52 -15.53
C VAL A 351 0.27 6.59 -14.40
N GLU A 352 1.07 7.65 -14.39
CA GLU A 352 2.07 7.85 -13.34
C GLU A 352 1.30 8.65 -12.32
N GLN A 353 0.64 7.93 -11.39
CA GLN A 353 -0.26 8.59 -10.45
C GLN A 353 0.49 9.54 -9.55
N GLU A 354 1.68 9.16 -9.11
CA GLU A 354 2.45 10.11 -8.29
C GLU A 354 2.56 11.48 -8.97
N GLU A 355 2.60 11.51 -10.29
CA GLU A 355 2.74 12.79 -10.98
C GLU A 355 1.41 13.54 -11.03
N ILE A 356 0.32 12.83 -11.31
CA ILE A 356 -1.02 13.42 -11.23
C ILE A 356 -1.26 14.04 -9.85
N LEU A 357 -0.94 13.31 -8.78
CA LEU A 357 -1.35 13.77 -7.46
C LEU A 357 -0.57 15.01 -6.99
N GLN A 358 0.58 15.29 -7.58
CA GLN A 358 1.27 16.54 -7.30
C GLN A 358 0.76 17.73 -8.13
N HIS A 359 -0.08 17.50 -9.13
CA HIS A 359 -0.43 18.57 -10.06
C HIS A 359 -1.49 19.46 -9.42
N GLY A 360 -1.30 20.76 -9.51
CA GLY A 360 -2.22 21.72 -8.91
C GLY A 360 -3.63 21.69 -9.45
N SER A 361 -3.85 21.07 -10.59
CA SER A 361 -5.20 21.05 -11.16
C SER A 361 -6.10 19.96 -10.57
N VAL A 362 -5.55 19.08 -9.71
CA VAL A 362 -6.36 18.03 -9.09
C VAL A 362 -6.99 18.57 -7.82
N GLY A 363 -8.30 18.39 -7.68
CA GLY A 363 -9.00 18.86 -6.50
C GLY A 363 -9.61 17.75 -5.67
N LEU A 364 -9.67 16.53 -6.21
CA LEU A 364 -10.24 15.39 -5.49
C LEU A 364 -9.67 14.08 -6.05
N PHE A 365 -9.36 13.17 -5.14
CA PHE A 365 -8.92 11.83 -5.50
C PHE A 365 -9.91 10.80 -4.97
N ILE A 366 -10.70 10.21 -5.87
CA ILE A 366 -11.53 9.06 -5.52
C ILE A 366 -10.62 7.84 -5.51
N SER A 367 -10.41 7.26 -4.35
CA SER A 367 -9.37 6.25 -4.17
C SER A 367 -9.94 5.02 -3.47
N HIS A 368 -9.45 3.83 -3.87
CA HIS A 368 -9.76 2.61 -3.15
C HIS A 368 -9.07 2.52 -1.79
N CYS A 369 -8.19 3.49 -1.45
CA CYS A 369 -7.51 3.55 -0.14
C CYS A 369 -6.46 2.48 0.02
N GLY A 370 -5.96 1.89 -1.05
CA GLY A 370 -4.61 1.34 -1.04
C GLY A 370 -3.64 2.27 -0.33
N TRP A 371 -2.70 1.70 0.45
CA TRP A 371 -1.93 2.54 1.36
C TRP A 371 -0.96 3.48 0.60
N ASN A 372 -0.30 2.97 -0.44
CA ASN A 372 0.63 3.84 -1.15
C ASN A 372 -0.15 4.97 -1.81
N SER A 373 -1.39 4.73 -2.26
CA SER A 373 -2.17 5.83 -2.83
C SER A 373 -2.46 6.88 -1.76
N LEU A 374 -2.70 6.43 -0.54
CA LEU A 374 -3.06 7.38 0.51
C LEU A 374 -1.85 8.18 0.94
N THR A 375 -0.68 7.54 1.02
CA THR A 375 0.53 8.31 1.33
C THR A 375 0.82 9.36 0.28
N GLU A 376 0.48 9.08 -0.99
CA GLU A 376 0.69 10.07 -2.06
C GLU A 376 -0.26 11.25 -1.91
N ALA A 377 -1.54 10.97 -1.62
CA ALA A 377 -2.46 12.07 -1.39
C ALA A 377 -2.14 12.80 -0.09
N ALA A 378 -1.59 12.10 0.90
CA ALA A 378 -1.18 12.75 2.15
C ALA A 378 0.01 13.68 1.91
N ALA A 379 0.99 13.23 1.11
CA ALA A 379 2.18 14.06 0.90
C ALA A 379 1.83 15.37 0.21
N PHE A 380 0.84 15.35 -0.66
CA PHE A 380 0.53 16.50 -1.47
C PHE A 380 -0.78 17.17 -1.10
N GLY A 381 -1.39 16.78 0.02
CA GLY A 381 -2.58 17.45 0.55
C GLY A 381 -3.85 17.37 -0.28
N VAL A 382 -4.08 16.25 -0.97
CA VAL A 382 -5.20 16.11 -1.89
C VAL A 382 -6.37 15.44 -1.17
N PRO A 383 -7.52 16.07 -1.06
CA PRO A 383 -8.64 15.42 -0.36
C PRO A 383 -9.01 14.10 -1.02
N VAL A 384 -9.40 13.12 -0.18
CA VAL A 384 -9.65 11.76 -0.66
C VAL A 384 -11.11 11.40 -0.45
N LEU A 385 -11.77 10.96 -1.51
CA LEU A 385 -13.08 10.38 -1.43
C LEU A 385 -12.83 8.89 -1.33
N ALA A 386 -13.05 8.34 -0.12
CA ALA A 386 -12.67 6.97 0.16
C ALA A 386 -13.73 6.02 -0.38
N TRP A 387 -13.32 5.08 -1.22
CA TRP A 387 -14.18 4.03 -1.74
C TRP A 387 -13.46 2.71 -1.65
N PRO A 388 -13.29 2.18 -0.44
CA PRO A 388 -12.53 0.91 -0.29
C PRO A 388 -13.27 -0.25 -0.92
N ARG A 389 -12.44 -1.24 -1.33
CA ARG A 389 -12.96 -2.41 -1.99
C ARG A 389 -12.64 -3.71 -1.30
N PHE A 390 -11.41 -3.90 -0.80
CA PHE A 390 -11.06 -5.17 -0.17
C PHE A 390 -9.87 -5.00 0.78
N GLY A 391 -9.54 -6.07 1.48
CA GLY A 391 -8.27 -6.11 2.19
C GLY A 391 -8.24 -5.07 3.26
N ASP A 392 -7.15 -4.30 3.27
CA ASP A 392 -6.91 -3.29 4.31
C ASP A 392 -7.67 -1.99 4.09
N GLN A 393 -8.46 -1.91 3.02
CA GLN A 393 -8.86 -0.59 2.52
C GLN A 393 -9.93 0.07 3.37
N ARG A 394 -10.78 -0.73 4.07
CA ARG A 394 -11.75 -0.13 4.99
C ARG A 394 -11.09 0.36 6.29
N VAL A 395 -10.16 -0.41 6.84
CA VAL A 395 -9.29 0.16 7.88
C VAL A 395 -8.62 1.47 7.44
N ASN A 396 -8.10 1.51 6.21
CA ASN A 396 -7.40 2.72 5.78
C ASN A 396 -8.41 3.85 5.51
N ALA A 397 -9.63 3.50 5.06
CA ALA A 397 -10.63 4.54 4.85
C ALA A 397 -11.04 5.23 6.15
N ALA A 398 -11.08 4.48 7.25
CA ALA A 398 -11.41 5.11 8.53
C ALA A 398 -10.31 6.09 8.95
N LEU A 399 -9.09 5.78 8.60
CA LEU A 399 -8.02 6.74 8.82
C LEU A 399 -8.19 7.97 7.94
N VAL A 400 -8.60 7.77 6.68
CA VAL A 400 -8.89 8.93 5.83
C VAL A 400 -9.84 9.87 6.54
N ALA A 401 -10.99 9.33 6.99
CA ALA A 401 -11.97 10.16 7.68
C ALA A 401 -11.41 10.72 9.00
N ARG A 402 -10.75 9.86 9.78
CA ARG A 402 -10.24 10.24 11.09
C ARG A 402 -9.20 11.36 11.00
N SER A 403 -8.29 11.27 10.05
CA SER A 403 -7.19 12.23 9.95
C SER A 403 -7.59 13.55 9.29
N GLY A 404 -8.75 13.62 8.65
CA GLY A 404 -9.08 14.79 7.82
C GLY A 404 -8.42 14.83 6.47
N LEU A 405 -7.78 13.75 6.02
CA LEU A 405 -7.38 13.64 4.63
C LEU A 405 -8.57 13.54 3.71
N GLY A 406 -9.74 13.13 4.20
CA GLY A 406 -10.87 12.97 3.33
C GLY A 406 -12.11 12.52 4.08
N ALA A 407 -13.04 11.89 3.35
CA ALA A 407 -14.33 11.47 3.87
C ALA A 407 -14.67 10.10 3.32
N TRP A 408 -15.49 9.39 4.05
CA TRP A 408 -15.79 7.99 3.74
C TRP A 408 -17.22 7.69 4.14
N GLU A 409 -18.04 7.28 3.16
CA GLU A 409 -19.38 6.76 3.45
C GLU A 409 -19.26 5.30 3.86
N GLU A 410 -19.40 5.01 5.16
CA GLU A 410 -19.23 3.63 5.61
C GLU A 410 -20.24 2.68 4.98
N GLY A 411 -21.43 3.17 4.65
CA GLY A 411 -22.48 2.34 4.11
C GLY A 411 -22.26 1.87 2.70
N TRP A 412 -21.37 2.50 1.94
CA TRP A 412 -21.10 2.00 0.59
C TRP A 412 -20.57 0.59 0.70
N THR A 413 -21.10 -0.29 -0.15
CA THR A 413 -20.68 -1.68 -0.11
C THR A 413 -19.26 -1.84 -0.65
N TRP A 414 -18.60 -2.94 -0.25
CA TRP A 414 -17.31 -3.30 -0.83
C TRP A 414 -17.39 -4.73 -1.35
N ASP A 415 -16.26 -5.25 -1.79
CA ASP A 415 -16.27 -6.55 -2.45
C ASP A 415 -16.90 -7.63 -1.54
N GLY A 416 -17.71 -8.48 -2.13
CA GLY A 416 -18.33 -9.58 -1.43
C GLY A 416 -19.66 -9.23 -0.79
N GLU A 417 -19.95 -7.97 -0.61
CA GLU A 417 -21.27 -7.52 -0.18
C GLU A 417 -22.14 -7.27 -1.42
N GLU A 418 -23.42 -7.49 -1.27
CA GLU A 418 -24.40 -7.17 -2.30
C GLU A 418 -24.86 -5.74 -2.06
N GLY A 419 -25.16 -5.05 -3.15
CA GLY A 419 -25.48 -3.64 -3.07
C GLY A 419 -24.61 -2.85 -4.03
N LEU A 420 -25.12 -1.72 -4.49
CA LEU A 420 -24.55 -0.94 -5.57
C LEU A 420 -24.59 0.52 -5.15
N THR A 421 -23.45 1.17 -5.21
CA THR A 421 -23.42 2.60 -4.98
C THR A 421 -23.96 3.27 -6.25
N THR A 422 -24.99 4.12 -6.10
CA THR A 422 -25.67 4.66 -7.26
C THR A 422 -24.98 5.90 -7.82
N ARG A 423 -25.33 6.23 -9.06
CA ARG A 423 -24.79 7.42 -9.70
C ARG A 423 -25.15 8.68 -8.93
N LYS A 424 -26.35 8.71 -8.31
CA LYS A 424 -26.73 9.85 -7.48
C LYS A 424 -25.84 9.98 -6.26
N GLU A 425 -25.54 8.86 -5.61
CA GLU A 425 -24.68 8.89 -4.42
C GLU A 425 -23.29 9.39 -4.78
N VAL A 426 -22.73 8.87 -5.88
CA VAL A 426 -21.41 9.34 -6.35
C VAL A 426 -21.43 10.83 -6.62
N ALA A 427 -22.35 11.26 -7.51
CA ALA A 427 -22.40 12.66 -7.91
C ALA A 427 -22.59 13.59 -6.70
N LYS A 428 -23.51 13.25 -5.79
CA LYS A 428 -23.71 14.10 -4.61
C LYS A 428 -22.45 14.15 -3.76
N LYS A 429 -21.81 13.02 -3.52
CA LYS A 429 -20.60 13.05 -2.70
C LYS A 429 -19.46 13.79 -3.40
N ILE A 430 -19.37 13.72 -4.74
CA ILE A 430 -18.32 14.50 -5.42
C ILE A 430 -18.58 16.00 -5.27
N LYS A 431 -19.84 16.43 -5.43
CA LYS A 431 -20.16 17.86 -5.33
C LYS A 431 -19.88 18.36 -3.92
N GLY A 432 -20.30 17.60 -2.90
CA GLY A 432 -20.03 18.00 -1.51
C GLY A 432 -18.55 18.15 -1.22
N MET A 433 -17.75 17.15 -1.61
CA MET A 433 -16.31 17.20 -1.32
C MET A 433 -15.69 18.49 -1.87
N MET A 434 -16.00 18.83 -3.14
CA MET A 434 -15.37 20.00 -3.77
C MET A 434 -16.08 21.31 -3.45
N GLY A 435 -17.31 21.25 -2.94
CA GLY A 435 -18.06 22.43 -2.58
C GLY A 435 -17.87 22.93 -1.16
N TYR A 436 -17.39 22.08 -0.28
CA TYR A 436 -17.24 22.40 1.15
C TYR A 436 -15.76 22.68 1.40
N ASP A 437 -15.43 23.94 1.66
CA ASP A 437 -14.01 24.31 1.67
C ASP A 437 -13.24 23.63 2.79
N ALA A 438 -13.92 23.28 3.88
CA ALA A 438 -13.27 22.58 4.99
C ALA A 438 -12.61 21.30 4.54
N VAL A 439 -13.13 20.66 3.49
CA VAL A 439 -12.52 19.42 2.99
C VAL A 439 -11.09 19.69 2.50
N ALA A 440 -10.94 20.70 1.63
CA ALA A 440 -9.63 21.00 1.09
C ALA A 440 -8.68 21.47 2.17
N GLU A 441 -9.21 22.15 3.20
CA GLU A 441 -8.37 22.72 4.25
C GLU A 441 -7.84 21.64 5.19
N LYS A 442 -8.73 20.76 5.67
CA LYS A 442 -8.31 19.62 6.46
C LYS A 442 -7.25 18.82 5.72
N ALA A 443 -7.49 18.50 4.46
CA ALA A 443 -6.50 17.71 3.71
C ALA A 443 -5.17 18.47 3.61
N ALA A 444 -5.22 19.80 3.50
CA ALA A 444 -3.96 20.54 3.40
C ALA A 444 -3.19 20.50 4.72
N LYS A 445 -3.90 20.45 5.86
CA LYS A 445 -3.23 20.29 7.14
C LYS A 445 -2.52 18.93 7.22
N VAL A 446 -3.06 17.90 6.56
CA VAL A 446 -2.35 16.63 6.53
C VAL A 446 -1.09 16.77 5.69
N GLY A 447 -1.20 17.41 4.52
CA GLY A 447 -0.01 17.68 3.70
C GLY A 447 1.05 18.41 4.49
N ASP A 448 0.63 19.44 5.24
CA ASP A 448 1.59 20.19 6.06
C ASP A 448 2.33 19.29 7.03
N ALA A 449 1.59 18.43 7.75
CA ALA A 449 2.20 17.54 8.72
C ALA A 449 3.06 16.48 8.03
N ALA A 450 2.69 16.06 6.83
CA ALA A 450 3.47 15.04 6.12
C ALA A 450 4.81 15.62 5.66
N ALA A 451 4.79 16.81 5.09
CA ALA A 451 6.04 17.45 4.65
C ALA A 451 6.96 17.71 5.83
N ALA A 452 6.40 18.17 6.94
CA ALA A 452 7.20 18.36 8.16
C ALA A 452 7.81 17.06 8.63
N ALA A 453 7.04 15.97 8.63
CA ALA A 453 7.52 14.70 9.13
C ALA A 453 8.79 14.26 8.42
N ILE A 454 8.80 14.35 7.08
CA ILE A 454 9.94 13.91 6.29
C ILE A 454 11.05 14.95 6.17
N ALA A 455 10.81 16.20 6.58
CA ALA A 455 11.84 17.22 6.55
C ALA A 455 12.85 16.97 7.66
N LYS A 456 13.86 17.82 7.71
CA LYS A 456 15.03 17.59 8.54
C LYS A 456 14.66 17.35 10.00
N CYS A 457 13.87 18.26 10.59
CA CYS A 457 13.56 18.16 12.00
C CYS A 457 12.34 17.25 12.31
N GLY A 458 11.82 16.52 11.32
CA GLY A 458 10.56 15.83 11.46
C GLY A 458 10.65 14.43 12.09
N THR A 459 9.51 13.95 12.56
CA THR A 459 9.51 12.66 13.24
C THR A 459 9.90 11.51 12.31
N SER A 460 9.61 11.62 11.01
CA SER A 460 9.94 10.55 10.09
C SER A 460 11.39 10.61 9.67
N TYR A 461 11.92 11.81 9.48
CA TYR A 461 13.34 11.95 9.18
C TYR A 461 14.19 11.37 10.30
N GLN A 462 13.89 11.74 11.55
CA GLN A 462 14.65 11.22 12.70
C GLN A 462 14.53 9.70 12.80
N SER A 463 13.31 9.17 12.68
CA SER A 463 13.13 7.73 12.74
C SER A 463 14.00 7.04 11.70
N LEU A 464 14.10 7.62 10.51
CA LEU A 464 14.90 7.01 9.47
C LEU A 464 16.39 7.13 9.77
N GLU A 465 16.80 8.27 10.32
CA GLU A 465 18.18 8.44 10.77
C GLU A 465 18.55 7.40 11.81
N GLU A 466 17.63 7.11 12.74
CA GLU A 466 17.90 6.09 13.75
C GLU A 466 18.05 4.73 13.11
N PHE A 467 17.21 4.40 12.15
CA PHE A 467 17.34 3.10 11.51
C PHE A 467 18.68 2.97 10.78
N VAL A 468 19.08 4.01 10.06
CA VAL A 468 20.37 3.97 9.37
C VAL A 468 21.52 3.85 10.36
N GLN A 469 21.39 4.46 11.53
CA GLN A 469 22.44 4.30 12.53
C GLN A 469 22.60 2.84 12.94
N ARG A 470 21.47 2.13 13.09
CA ARG A 470 21.53 0.71 13.44
C ARG A 470 22.26 -0.06 12.36
N CYS A 471 22.03 0.29 11.09
CA CYS A 471 22.71 -0.37 9.98
C CYS A 471 24.22 -0.11 10.02
N ARG A 472 24.62 1.11 10.38
CA ARG A 472 26.06 1.43 10.47
C ARG A 472 26.74 0.56 11.52
N ASP A 473 26.05 0.28 12.63
CA ASP A 473 26.63 -0.50 13.73
C ASP A 473 26.71 -2.00 13.43
N ALA A 474 26.24 -2.44 12.27
CA ALA A 474 26.28 -3.86 11.93
C ALA A 474 27.39 -4.23 10.96
N GLU A 475 28.27 -3.28 10.58
CA GLU A 475 29.40 -3.63 9.71
C GLU A 475 30.18 -4.79 10.33
N ARG A 476 30.46 -5.80 9.50
CA ARG A 476 31.19 -6.98 9.95
C ARG A 476 32.62 -6.95 9.39
CL CL B . -4.14 6.25 15.15
N1 UDP C . -0.47 3.54 -9.44
C2 UDP C . -0.03 4.26 -10.53
N3 UDP C . -0.86 4.22 -11.62
C4 UDP C . -2.02 3.47 -11.76
C5 UDP C . -2.39 2.75 -10.62
C6 UDP C . -1.61 2.77 -9.52
O2 UDP C . 0.99 4.94 -10.51
O4 UDP C . -2.66 3.53 -12.83
C1' UDP C . 0.39 3.49 -8.27
C2' UDP C . -0.06 4.33 -7.10
O2' UDP C . 0.48 5.65 -7.18
C3' UDP C . 0.59 3.56 -5.94
C4' UDP C . 0.49 2.11 -6.40
O4' UDP C . 0.43 2.15 -7.83
O3' UDP C . 1.94 4.00 -5.70
C5' UDP C . -0.72 1.37 -5.93
O5' UDP C . -0.46 0.94 -4.59
PA UDP C . -1.61 0.96 -3.44
O1A UDP C . -2.28 2.30 -3.44
O2A UDP C . -0.99 0.51 -2.16
O3A UDP C . -2.63 -0.12 -3.91
PB UDP C . -2.67 -1.57 -4.55
O1B UDP C . -2.54 -1.31 -5.96
O2B UDP C . -4.12 -2.01 -4.32
O3B UDP C . -1.61 -2.49 -3.88
HN3 UDP C . -0.62 4.69 -12.31
H5 UDP C . -3.17 2.25 -10.62
H6 UDP C . -1.86 2.27 -8.78
H1' UDP C . 1.27 3.80 -8.51
H2' UDP C . -1.03 4.34 -7.04
HO2' UDP C . 1.27 5.62 -7.50
H3' UDP C . 0.06 3.67 -5.13
H4' UDP C . 1.31 1.66 -6.11
HO3' UDP C . 2.05 4.10 -4.86
H5'1 UDP C . -1.50 1.96 -5.94
H5'2 UDP C . -0.89 0.61 -6.49
#